data_2O2S
#
_entry.id   2O2S
#
_cell.length_a   78.075
_cell.length_b   78.075
_cell.length_c   187.955
_cell.angle_alpha   90.00
_cell.angle_beta   90.00
_cell.angle_gamma   120.00
#
_symmetry.space_group_name_H-M   'P 32 2 1'
#
loop_
_entity.id
_entity.type
_entity.pdbx_description
1 polymer 'Enoyl-acyl carrier reductase'
2 non-polymer NICOTINAMIDE-ADENINE-DINUCLEOTIDE
3 non-polymer TRICLOSAN
4 water water
#
_entity_poly.entity_id   1
_entity_poly.type   'polypeptide(L)'
_entity_poly.pdbx_seq_one_letter_code
;SAFPIDLRGQTAFVAGVADSHGYGWAIAKHLASAGARVALGTWPPVLGLFQKSLQSGRLDEDRKLPDGSLIEFAGVYPLD
AAFDKPEDVPQDIKDNKRYAGVDGYTIKEVAVKVKQDLGNIDILVHSLANGPEVTKPLLETSRKGYLAASSNSAYSFVSL
LQHFGPIMNEGGSAVTLSYLAAERVVPGYGGGMSSAKAALESDTRTLAWEAGQKYGVRVNAISAGPLKSRAASAIGKSGE
KSFIDYAIDYSYNNAPLRRDLHSDDVGGAALFLLSPLARAVSGVTLYVDNGLHAMGQAVDSRSMPPLQRATQEIN
;
_entity_poly.pdbx_strand_id   A,B
#
# COMPACT_ATOMS: atom_id res chain seq x y z
N PRO A 4 -0.10 17.16 -6.04
CA PRO A 4 0.53 15.87 -6.42
C PRO A 4 0.40 14.87 -5.27
N ILE A 5 1.38 14.86 -4.37
CA ILE A 5 1.13 14.78 -2.91
C ILE A 5 2.00 15.78 -2.13
N ASP A 6 1.34 16.52 -1.25
CA ASP A 6 1.82 17.80 -0.77
C ASP A 6 1.72 17.86 0.74
N LEU A 7 2.87 17.86 1.42
CA LEU A 7 2.92 17.78 2.88
C LEU A 7 3.37 19.09 3.53
N ARG A 8 3.36 20.16 2.75
CA ARG A 8 3.64 21.49 3.27
C ARG A 8 2.59 21.85 4.31
N GLY A 9 3.06 22.38 5.43
CA GLY A 9 2.19 22.71 6.56
C GLY A 9 2.16 21.61 7.62
N GLN A 10 2.75 20.46 7.28
CA GLN A 10 2.64 19.27 8.13
C GLN A 10 3.96 18.99 8.79
N THR A 11 3.89 18.42 9.99
CA THR A 11 5.08 18.11 10.76
C THR A 11 5.09 16.64 11.10
N ALA A 12 6.29 16.07 11.07
CA ALA A 12 6.47 14.65 11.32
C ALA A 12 7.56 14.46 12.34
N PHE A 13 7.40 13.42 13.15
CA PHE A 13 8.43 12.91 14.03
C PHE A 13 8.78 11.47 13.63
N VAL A 14 10.00 11.29 13.18
CA VAL A 14 10.51 9.97 12.78
C VAL A 14 11.44 9.41 13.86
N ALA A 15 10.99 8.34 14.51
CA ALA A 15 11.71 7.76 15.63
C ALA A 15 12.59 6.60 15.19
N GLY A 16 13.87 6.73 15.48
CA GLY A 16 14.78 5.63 15.21
C GLY A 16 15.67 5.98 14.05
N VAL A 17 16.33 7.14 14.20
CA VAL A 17 17.27 7.63 13.22
C VAL A 17 18.62 8.01 13.84
N ALA A 18 19.64 7.23 13.52
CA ALA A 18 21.00 7.46 14.00
C ALA A 18 22.03 7.54 12.86
N ASP A 19 21.68 7.06 11.67
CA ASP A 19 22.62 7.05 10.56
C ASP A 19 21.88 7.35 9.27
N SER A 20 22.59 7.34 8.13
CA SER A 20 22.00 7.57 6.84
C SER A 20 21.67 6.28 6.12
N HIS A 21 21.91 5.15 6.80
CA HIS A 21 21.76 3.82 6.19
C HIS A 21 20.46 3.10 6.52
N GLY A 22 19.66 3.71 7.40
CA GLY A 22 18.43 3.11 7.91
C GLY A 22 17.22 3.40 7.03
N TYR A 23 16.20 2.55 7.20
CA TYR A 23 14.92 2.84 6.61
C TYR A 23 14.35 4.11 7.21
N GLY A 24 14.67 4.42 8.47
CA GLY A 24 14.22 5.69 9.08
C GLY A 24 14.73 6.91 8.32
N TRP A 25 15.99 6.86 7.92
CA TRP A 25 16.58 7.94 7.17
C TRP A 25 15.77 8.15 5.87
N ALA A 26 15.62 7.08 5.09
CA ALA A 26 15.01 7.17 3.77
C ALA A 26 13.59 7.74 3.84
N ILE A 27 12.89 7.39 4.93
CA ILE A 27 11.52 7.84 5.14
C ILE A 27 11.59 9.31 5.44
N ALA A 28 12.48 9.70 6.33
CA ALA A 28 12.61 11.11 6.65
C ALA A 28 12.90 11.95 5.39
N LYS A 29 13.78 11.40 4.55
CA LYS A 29 14.23 12.08 3.35
C LYS A 29 13.06 12.25 2.38
N HIS A 30 12.06 11.40 2.47
CA HIS A 30 10.90 11.45 1.58
C HIS A 30 9.81 12.32 2.11
N LEU A 31 9.66 12.40 3.43
CA LEU A 31 8.68 13.32 4.02
C LEU A 31 9.11 14.75 3.71
N ALA A 32 10.41 15.02 3.87
CA ALA A 32 10.98 16.35 3.58
C ALA A 32 10.84 16.76 2.12
N SER A 33 11.17 15.87 1.22
CA SER A 33 11.04 16.16 -0.21
C SER A 33 9.59 16.39 -0.63
N ALA A 34 8.61 16.01 0.20
CA ALA A 34 7.22 16.37 -0.03
C ALA A 34 6.85 17.61 0.77
N GLY A 35 7.84 18.21 1.42
CA GLY A 35 7.64 19.47 2.13
C GLY A 35 7.14 19.38 3.56
N ALA A 36 7.34 18.23 4.21
CA ALA A 36 7.08 18.14 5.64
C ALA A 36 8.18 18.84 6.47
N ARG A 37 7.88 19.21 7.71
CA ARG A 37 8.92 19.48 8.67
C ARG A 37 9.24 18.16 9.34
N VAL A 38 10.52 17.80 9.38
CA VAL A 38 10.91 16.51 9.96
C VAL A 38 11.83 16.66 11.17
N ALA A 39 11.29 16.30 12.33
CA ALA A 39 12.05 16.17 13.54
C ALA A 39 12.35 14.70 13.76
N LEU A 40 13.53 14.41 14.31
CA LEU A 40 14.01 13.04 14.47
C LEU A 40 14.16 12.57 15.90
N GLY A 41 14.07 11.23 16.05
CA GLY A 41 14.31 10.56 17.32
C GLY A 41 15.54 9.69 17.22
N THR A 42 16.47 9.87 18.14
CA THR A 42 17.74 9.17 18.08
C THR A 42 18.13 8.60 19.44
N TRP A 43 18.49 7.32 19.44
CA TRP A 43 18.88 6.61 20.65
C TRP A 43 20.10 7.30 21.30
N PRO A 44 20.00 7.69 22.58
CA PRO A 44 21.03 8.60 23.12
C PRO A 44 22.49 8.11 22.99
N PRO A 45 22.78 6.83 23.29
CA PRO A 45 24.12 6.27 23.08
C PRO A 45 24.82 6.63 21.78
N VAL A 46 24.07 6.89 20.70
CA VAL A 46 24.69 7.22 19.39
C VAL A 46 24.37 8.65 18.87
N LEU A 47 23.70 9.43 19.70
CA LEU A 47 23.31 10.77 19.33
C LEU A 47 24.50 11.66 19.01
N GLY A 48 25.58 11.50 19.77
CA GLY A 48 26.73 12.36 19.61
C GLY A 48 27.38 12.09 18.27
N LEU A 49 27.63 10.82 17.99
CA LEU A 49 28.27 10.46 16.74
C LEU A 49 27.36 10.84 15.54
N PHE A 50 26.04 10.75 15.71
CA PHE A 50 25.08 11.17 14.67
C PHE A 50 25.11 12.70 14.43
N GLN A 51 24.95 13.50 15.49
CA GLN A 51 25.08 14.96 15.41
C GLN A 51 26.36 15.41 14.68
N LYS A 52 27.49 14.83 15.06
CA LYS A 52 28.75 15.12 14.41
C LYS A 52 28.76 14.73 12.93
N SER A 53 28.14 13.61 12.58
CA SER A 53 28.10 13.20 11.18
C SER A 53 27.39 14.20 10.26
N LEU A 54 26.27 14.72 10.73
CA LEU A 54 25.54 15.75 10.03
C LEU A 54 26.39 17.00 10.01
N GLN A 55 26.75 17.45 11.22
CA GLN A 55 27.44 18.72 11.39
C GLN A 55 28.73 18.80 10.54
N SER A 56 29.49 17.70 10.42
CA SER A 56 30.72 17.68 9.62
C SER A 56 30.43 17.98 8.15
N GLY A 57 29.48 17.26 7.61
CA GLY A 57 29.22 17.27 6.19
C GLY A 57 29.41 15.89 5.62
N ARG A 58 29.68 14.90 6.47
CA ARG A 58 29.87 13.52 5.98
C ARG A 58 28.62 12.93 5.32
N LEU A 59 27.44 13.40 5.72
CA LEU A 59 26.17 12.85 5.23
C LEU A 59 25.54 13.63 4.07
N ASP A 60 26.15 14.73 3.67
CA ASP A 60 25.61 15.62 2.63
C ASP A 60 25.25 14.92 1.31
N GLU A 61 25.99 13.89 0.97
CA GLU A 61 25.58 13.03 -0.14
C GLU A 61 24.20 12.42 0.15
N ASP A 62 24.14 11.71 1.27
CA ASP A 62 22.91 11.07 1.74
C ASP A 62 21.78 12.11 2.03
N ARG A 63 22.14 13.38 2.20
CA ARG A 63 21.15 14.43 2.51
C ARG A 63 20.53 15.11 1.31
N LYS A 64 21.03 14.88 0.09
CA LYS A 64 20.50 15.67 -1.04
C LYS A 64 19.11 15.16 -1.51
N LEU A 65 18.14 16.08 -1.52
CA LEU A 65 16.78 15.80 -1.95
C LEU A 65 16.70 15.99 -3.47
N PRO A 66 15.55 15.65 -4.09
CA PRO A 66 15.41 15.81 -5.55
C PRO A 66 15.73 17.24 -6.08
N ASP A 67 15.18 18.27 -5.43
CA ASP A 67 15.37 19.67 -5.86
C ASP A 67 16.81 20.20 -5.72
N GLY A 68 17.78 19.33 -5.49
CA GLY A 68 19.16 19.73 -5.35
C GLY A 68 19.53 20.29 -3.97
N SER A 69 18.55 20.63 -3.13
CA SER A 69 18.84 21.13 -1.78
C SER A 69 19.16 19.98 -0.79
N LEU A 70 19.21 20.31 0.50
CA LEU A 70 19.64 19.36 1.52
C LEU A 70 18.62 19.29 2.62
N ILE A 71 18.19 18.08 2.96
CA ILE A 71 17.27 17.89 4.08
C ILE A 71 17.88 18.58 5.31
N GLU A 72 17.13 19.46 5.95
CA GLU A 72 17.47 19.94 7.28
C GLU A 72 16.40 19.44 8.22
N PHE A 73 16.79 19.09 9.43
CA PHE A 73 15.82 18.61 10.43
C PHE A 73 15.39 19.72 11.36
N ALA A 74 14.16 19.60 11.85
CA ALA A 74 13.59 20.57 12.74
C ALA A 74 13.72 20.02 14.16
N GLY A 75 14.94 19.80 14.59
CA GLY A 75 15.18 19.27 15.91
C GLY A 75 15.48 17.79 15.87
N VAL A 76 16.50 17.42 16.63
CA VAL A 76 16.92 16.04 16.75
C VAL A 76 16.90 15.72 18.21
N TYR A 77 15.93 14.89 18.58
CA TYR A 77 15.63 14.61 19.96
C TYR A 77 16.27 13.32 20.43
N PRO A 78 16.91 13.36 21.61
CA PRO A 78 17.34 12.11 22.22
C PRO A 78 16.09 11.37 22.64
N LEU A 79 16.07 10.08 22.32
CA LEU A 79 14.91 9.22 22.53
C LEU A 79 15.33 7.80 22.87
N ASP A 80 14.90 7.31 24.03
CA ASP A 80 15.00 5.88 24.31
C ASP A 80 13.60 5.31 24.42
N ALA A 81 13.19 4.55 23.41
CA ALA A 81 11.84 3.97 23.37
C ALA A 81 11.62 2.79 24.32
N ALA A 82 12.65 2.43 25.10
CA ALA A 82 12.52 1.37 26.12
C ALA A 82 11.92 1.93 27.40
N PHE A 83 11.82 3.25 27.47
CA PHE A 83 11.39 3.97 28.65
C PHE A 83 10.25 4.93 28.33
N ASP A 84 9.26 4.97 29.20
CA ASP A 84 8.11 5.84 28.99
C ASP A 84 8.27 7.12 29.77
N LYS A 85 8.71 6.96 31.01
CA LYS A 85 8.83 8.06 31.98
C LYS A 85 10.22 8.02 32.65
N PRO A 86 10.70 9.18 33.14
CA PRO A 86 11.99 9.27 33.88
C PRO A 86 12.10 8.46 35.18
N GLU A 87 10.98 8.00 35.73
CA GLU A 87 10.99 7.08 36.84
C GLU A 87 11.32 5.67 36.38
N ASP A 88 11.06 5.38 35.12
CA ASP A 88 11.38 4.06 34.59
C ASP A 88 12.84 3.89 34.28
N VAL A 89 13.64 4.94 34.37
CA VAL A 89 15.06 4.77 34.00
C VAL A 89 15.88 4.35 35.22
N PRO A 90 16.63 3.24 35.12
CA PRO A 90 17.32 2.78 36.31
C PRO A 90 18.66 3.45 36.51
N GLN A 91 19.23 3.26 37.70
CA GLN A 91 20.43 3.96 38.09
C GLN A 91 21.61 3.69 37.16
N ASP A 92 21.78 2.42 36.79
CA ASP A 92 22.87 2.08 35.88
C ASP A 92 22.83 2.97 34.61
N ILE A 93 21.63 3.25 34.08
CA ILE A 93 21.54 4.05 32.85
C ILE A 93 21.70 5.54 33.15
N LYS A 94 21.09 6.02 34.24
CA LYS A 94 21.32 7.40 34.67
C LYS A 94 22.82 7.69 34.70
N ASP A 95 23.57 6.81 35.34
CA ASP A 95 25.04 6.91 35.48
C ASP A 95 25.76 6.05 34.43
N ASN A 96 25.20 5.94 33.23
CA ASN A 96 25.87 5.21 32.17
C ASN A 96 26.61 6.22 31.32
N LYS A 97 27.84 5.89 30.98
CA LYS A 97 28.76 6.83 30.34
C LYS A 97 28.29 7.19 28.91
N ARG A 98 27.59 6.25 28.27
CA ARG A 98 27.01 6.47 26.94
C ARG A 98 25.88 7.51 26.97
N TYR A 99 25.25 7.67 28.13
CA TYR A 99 24.11 8.57 28.32
C TYR A 99 24.49 9.89 29.04
N ALA A 100 25.78 10.20 29.11
CA ALA A 100 26.25 11.42 29.80
C ALA A 100 26.05 12.63 28.90
N GLY A 101 25.44 13.68 29.45
CA GLY A 101 25.13 14.89 28.67
C GLY A 101 23.68 14.97 28.24
N VAL A 102 23.13 13.82 27.84
CA VAL A 102 21.74 13.78 27.34
C VAL A 102 20.71 13.73 28.47
N ASP A 103 19.64 14.50 28.29
CA ASP A 103 18.57 14.58 29.27
C ASP A 103 17.20 14.51 28.55
N GLY A 104 16.16 14.15 29.30
CA GLY A 104 14.79 14.16 28.80
C GLY A 104 14.56 13.35 27.52
N TYR A 105 14.83 12.04 27.61
CA TYR A 105 14.75 11.13 26.47
C TYR A 105 13.68 10.01 26.60
N THR A 106 12.86 10.05 27.64
CA THR A 106 11.82 9.04 27.75
C THR A 106 10.71 9.50 26.84
N ILE A 107 9.80 8.60 26.53
CA ILE A 107 8.78 8.87 25.53
C ILE A 107 7.87 10.06 25.95
N LYS A 108 7.37 10.05 27.19
CA LYS A 108 6.52 11.14 27.70
C LYS A 108 7.15 12.52 27.50
N GLU A 109 8.44 12.60 27.86
CA GLU A 109 9.21 13.85 27.82
C GLU A 109 9.52 14.36 26.42
N VAL A 110 9.82 13.45 25.52
CA VAL A 110 10.10 13.81 24.14
C VAL A 110 8.84 14.34 23.46
N ALA A 111 7.72 13.66 23.73
CA ALA A 111 6.43 14.08 23.22
C ALA A 111 6.07 15.45 23.74
N VAL A 112 6.43 15.75 24.99
CA VAL A 112 6.18 17.09 25.54
C VAL A 112 7.02 18.13 24.81
N LYS A 113 8.34 17.95 24.76
CA LYS A 113 9.21 18.93 24.07
C LYS A 113 8.85 19.11 22.60
N VAL A 114 8.41 18.04 21.96
CA VAL A 114 7.95 18.11 20.57
C VAL A 114 6.68 18.97 20.50
N LYS A 115 5.77 18.78 21.45
CA LYS A 115 4.59 19.65 21.53
C LYS A 115 5.04 21.08 21.76
N GLN A 116 5.83 21.30 22.81
CA GLN A 116 6.42 22.61 23.14
C GLN A 116 7.07 23.28 21.94
N ASP A 117 8.07 22.62 21.37
CA ASP A 117 8.97 23.24 20.39
C ASP A 117 8.34 23.40 19.01
N LEU A 118 7.38 22.52 18.68
CA LEU A 118 6.78 22.43 17.33
C LEU A 118 5.23 22.46 17.28
N GLY A 119 4.54 22.05 18.35
CA GLY A 119 3.08 22.00 18.32
C GLY A 119 2.62 20.62 17.91
N ASN A 120 1.30 20.47 17.73
CA ASN A 120 0.69 19.23 17.23
C ASN A 120 1.34 18.72 15.93
N ILE A 121 1.70 17.43 15.89
CA ILE A 121 2.24 16.87 14.65
C ILE A 121 1.16 16.23 13.83
N ASP A 122 1.49 15.99 12.58
CA ASP A 122 0.61 15.29 11.68
C ASP A 122 1.04 13.85 11.42
N ILE A 123 2.36 13.59 11.47
CA ILE A 123 2.94 12.32 11.00
C ILE A 123 3.91 11.71 12.01
N LEU A 124 3.81 10.40 12.20
CA LEU A 124 4.61 9.68 13.18
C LEU A 124 5.18 8.37 12.60
N VAL A 125 6.50 8.23 12.65
CA VAL A 125 7.13 7.05 12.11
C VAL A 125 7.78 6.29 13.26
N HIS A 126 7.55 4.98 13.29
CA HIS A 126 8.23 4.08 14.21
C HIS A 126 9.20 3.14 13.46
N SER A 127 10.48 3.51 13.49
CA SER A 127 11.54 2.84 12.74
C SER A 127 12.67 2.41 13.67
N LEU A 128 12.32 1.62 14.69
CA LEU A 128 13.32 1.12 15.63
C LEU A 128 12.93 -0.26 16.16
N ALA A 129 13.96 -1.01 16.50
CA ALA A 129 13.86 -2.38 16.96
C ALA A 129 15.15 -2.69 17.71
N ASN A 130 15.05 -3.61 18.65
CA ASN A 130 16.23 -4.11 19.32
C ASN A 130 15.85 -5.39 20.06
N GLY A 131 16.63 -6.46 19.85
CA GLY A 131 16.46 -7.73 20.58
C GLY A 131 17.80 -8.34 20.88
N PRO A 132 18.27 -8.24 22.14
CA PRO A 132 19.59 -8.73 22.50
C PRO A 132 19.94 -10.14 22.06
N GLU A 133 18.98 -11.05 21.92
CA GLU A 133 19.31 -12.46 21.61
C GLU A 133 18.88 -12.86 20.21
N VAL A 134 18.85 -11.88 19.33
CA VAL A 134 18.45 -12.10 17.96
C VAL A 134 19.21 -13.27 17.24
N THR A 135 20.47 -13.50 17.60
CA THR A 135 21.22 -14.59 16.96
C THR A 135 20.73 -15.96 17.42
N LYS A 136 20.08 -15.98 18.57
CA LYS A 136 19.62 -17.24 19.14
C LYS A 136 18.27 -17.69 18.58
N PRO A 137 18.17 -18.93 18.11
CA PRO A 137 16.84 -19.46 17.87
C PRO A 137 15.96 -19.38 19.10
N LEU A 138 14.66 -19.54 18.89
CA LEU A 138 13.63 -19.43 19.94
C LEU A 138 13.81 -20.49 21.00
N LEU A 139 14.19 -21.69 20.60
CA LEU A 139 14.47 -22.75 21.56
C LEU A 139 15.69 -22.46 22.45
N GLU A 140 16.42 -21.39 22.15
CA GLU A 140 17.60 -21.00 22.90
C GLU A 140 17.53 -19.55 23.33
N THR A 141 16.32 -19.03 23.42
CA THR A 141 16.08 -17.66 23.79
C THR A 141 15.49 -17.60 25.19
N SER A 142 15.87 -16.56 25.91
CA SER A 142 15.52 -16.39 27.29
C SER A 142 14.31 -15.46 27.44
N ARG A 143 13.63 -15.58 28.57
CA ARG A 143 12.54 -14.72 28.93
C ARG A 143 13.03 -13.25 28.98
N LYS A 144 14.23 -13.02 29.52
CA LYS A 144 14.72 -11.64 29.71
C LYS A 144 14.92 -10.96 28.35
N GLY A 145 15.43 -11.74 27.39
CA GLY A 145 15.78 -11.25 26.06
C GLY A 145 14.61 -11.19 25.09
N TYR A 146 13.70 -12.15 25.21
CA TYR A 146 12.50 -12.18 24.39
C TYR A 146 11.62 -11.00 24.82
N LEU A 147 11.55 -10.79 26.13
CA LEU A 147 10.74 -9.71 26.68
C LEU A 147 11.31 -8.37 26.30
N ALA A 148 12.62 -8.25 26.33
CA ALA A 148 13.33 -7.10 25.80
C ALA A 148 13.00 -6.85 24.32
N ALA A 149 12.98 -7.90 23.52
CA ALA A 149 12.69 -7.73 22.10
C ALA A 149 11.31 -7.08 21.95
N SER A 150 10.32 -7.57 22.70
CA SER A 150 8.94 -7.03 22.71
C SER A 150 8.86 -5.59 23.28
N SER A 151 9.60 -5.37 24.35
CA SER A 151 9.71 -4.05 24.96
C SER A 151 10.22 -3.01 23.97
N ASN A 152 11.33 -3.33 23.30
CA ASN A 152 12.03 -2.33 22.45
C ASN A 152 11.33 -2.18 21.08
N SER A 153 10.88 -3.30 20.49
CA SER A 153 10.36 -3.31 19.14
C SER A 153 8.82 -3.25 18.99
N ALA A 154 8.04 -3.66 20.00
CA ALA A 154 6.56 -3.69 19.89
C ALA A 154 5.91 -2.68 20.78
N TYR A 155 6.15 -2.81 22.08
CA TYR A 155 5.51 -1.91 23.03
C TYR A 155 5.91 -0.50 22.69
N SER A 156 7.17 -0.28 22.32
CA SER A 156 7.62 1.05 22.00
C SER A 156 6.65 1.76 21.07
N PHE A 157 6.08 1.02 20.13
CA PHE A 157 5.13 1.62 19.19
C PHE A 157 3.80 1.98 19.87
N VAL A 158 3.40 1.17 20.84
CA VAL A 158 2.19 1.42 21.58
C VAL A 158 2.36 2.70 22.43
N SER A 159 3.40 2.72 23.25
CA SER A 159 3.72 3.90 24.06
C SER A 159 3.84 5.12 23.16
N LEU A 160 4.43 4.93 21.98
CA LEU A 160 4.74 6.07 21.12
C LEU A 160 3.46 6.70 20.60
N LEU A 161 2.51 5.84 20.26
CA LEU A 161 1.22 6.30 19.87
C LEU A 161 0.47 6.91 21.06
N GLN A 162 0.51 6.23 22.22
CA GLN A 162 -0.17 6.71 23.42
C GLN A 162 0.24 8.16 23.76
N HIS A 163 1.53 8.41 23.69
CA HIS A 163 2.11 9.68 24.10
C HIS A 163 2.18 10.70 23.01
N PHE A 164 1.92 10.32 21.76
CA PHE A 164 1.88 11.30 20.65
C PHE A 164 0.50 11.54 20.10
N GLY A 165 -0.38 10.57 20.32
CA GLY A 165 -1.75 10.58 19.84
C GLY A 165 -2.46 11.86 20.15
N PRO A 166 -2.52 12.24 21.43
CA PRO A 166 -3.11 13.51 21.84
C PRO A 166 -2.57 14.72 21.08
N ILE A 167 -1.27 14.76 20.77
CA ILE A 167 -0.71 15.89 20.02
C ILE A 167 -0.65 15.67 18.49
N MET A 168 -1.54 14.81 18.02
CA MET A 168 -1.63 14.49 16.62
C MET A 168 -2.94 15.03 16.02
N ASN A 169 -2.85 15.67 14.86
CA ASN A 169 -4.02 16.21 14.20
C ASN A 169 -4.95 15.11 13.64
N GLU A 170 -6.26 15.31 13.80
CA GLU A 170 -7.30 14.53 13.11
C GLU A 170 -6.78 14.22 11.69
N GLY A 171 -6.90 12.97 11.26
CA GLY A 171 -6.42 12.56 9.92
C GLY A 171 -4.90 12.41 9.81
N GLY A 172 -4.24 12.14 10.92
CA GLY A 172 -2.79 11.97 10.93
C GLY A 172 -2.47 10.49 10.79
N SER A 173 -1.19 10.19 10.61
CA SER A 173 -0.77 8.87 10.26
C SER A 173 0.35 8.45 11.15
N ALA A 174 0.36 7.18 11.51
CA ALA A 174 1.52 6.58 12.07
C ALA A 174 1.80 5.32 11.30
N VAL A 175 3.08 5.02 11.09
CA VAL A 175 3.44 3.80 10.42
C VAL A 175 4.59 3.15 11.18
N THR A 176 4.61 1.82 11.22
CA THR A 176 5.75 1.10 11.77
C THR A 176 6.34 0.15 10.73
N LEU A 177 7.42 -0.53 11.12
CA LEU A 177 8.16 -1.40 10.23
C LEU A 177 8.29 -2.81 10.79
N SER A 178 7.91 -3.79 9.99
CA SER A 178 7.99 -5.19 10.36
C SER A 178 8.84 -5.94 9.33
N TYR A 179 8.98 -7.24 9.56
CA TYR A 179 9.59 -8.15 8.65
C TYR A 179 8.69 -9.38 8.54
N LEU A 180 8.68 -10.00 7.37
CA LEU A 180 7.92 -11.23 7.07
C LEU A 180 7.88 -12.30 8.13
N ALA A 181 8.96 -12.43 8.88
CA ALA A 181 9.11 -13.48 9.91
C ALA A 181 7.95 -13.52 10.91
N ALA A 182 7.26 -12.39 11.03
CA ALA A 182 6.08 -12.32 11.88
C ALA A 182 4.98 -13.23 11.42
N GLU A 183 4.88 -13.49 10.12
CA GLU A 183 3.84 -14.38 9.58
C GLU A 183 4.31 -15.79 9.22
N ARG A 184 5.52 -15.89 8.72
CA ARG A 184 6.13 -17.17 8.38
C ARG A 184 7.58 -17.22 8.84
N VAL A 185 8.03 -18.44 9.04
CA VAL A 185 9.32 -18.65 9.68
C VAL A 185 10.46 -18.17 8.78
N VAL A 186 11.26 -17.23 9.28
CA VAL A 186 12.54 -16.91 8.68
C VAL A 186 13.67 -17.28 9.62
N PRO A 187 14.36 -18.43 9.35
CA PRO A 187 15.52 -18.89 10.15
C PRO A 187 16.59 -17.83 10.34
N GLY A 188 17.19 -17.81 11.52
CA GLY A 188 18.21 -16.82 11.84
C GLY A 188 17.59 -15.55 12.35
N TYR A 189 16.28 -15.35 12.14
CA TYR A 189 15.59 -14.21 12.74
C TYR A 189 15.06 -14.64 14.11
N GLY A 190 15.94 -14.52 15.08
CA GLY A 190 15.75 -15.17 16.36
C GLY A 190 15.52 -14.20 17.49
N GLY A 191 15.85 -14.62 18.69
CA GLY A 191 15.64 -13.78 19.88
C GLY A 191 14.21 -13.36 20.15
N GLY A 192 13.23 -14.03 19.56
CA GLY A 192 11.85 -13.56 19.58
C GLY A 192 11.56 -12.21 18.91
N MET A 193 12.49 -11.75 18.06
CA MET A 193 12.16 -10.68 17.10
C MET A 193 10.95 -11.11 16.24
N SER A 194 10.92 -12.34 15.74
CA SER A 194 9.74 -12.84 15.02
C SER A 194 8.47 -12.60 15.85
N SER A 195 8.51 -13.04 17.09
CA SER A 195 7.41 -12.92 18.02
C SER A 195 6.95 -11.49 18.14
N ALA A 196 7.92 -10.59 18.32
CA ALA A 196 7.65 -9.17 18.63
C ALA A 196 7.17 -8.39 17.39
N LYS A 197 7.54 -8.85 16.19
CA LYS A 197 7.03 -8.25 14.95
C LYS A 197 5.57 -8.69 14.69
N ALA A 198 5.18 -9.86 15.15
CA ALA A 198 3.81 -10.31 14.99
C ALA A 198 2.93 -9.48 15.93
N ALA A 199 3.41 -9.33 17.15
CA ALA A 199 2.79 -8.44 18.12
C ALA A 199 2.65 -7.05 17.55
N LEU A 200 3.69 -6.57 16.90
CA LEU A 200 3.68 -5.21 16.32
C LEU A 200 2.60 -5.06 15.26
N GLU A 201 2.49 -6.09 14.43
CA GLU A 201 1.51 -6.10 13.35
C GLU A 201 0.08 -6.15 13.91
N SER A 202 -0.13 -7.01 14.90
CA SER A 202 -1.41 -7.10 15.58
C SER A 202 -1.77 -5.74 16.17
N ASP A 203 -0.81 -5.08 16.79
CA ASP A 203 -1.12 -3.82 17.45
C ASP A 203 -1.47 -2.72 16.45
N THR A 204 -0.88 -2.82 15.29
CA THR A 204 -1.16 -1.88 14.21
C THR A 204 -2.67 -1.94 13.91
N ARG A 205 -3.22 -3.14 13.86
CA ARG A 205 -4.64 -3.32 13.60
C ARG A 205 -5.46 -2.79 14.74
N THR A 206 -5.08 -3.16 15.95
CA THR A 206 -5.86 -2.84 17.14
C THR A 206 -5.85 -1.34 17.39
N LEU A 207 -4.65 -0.74 17.38
CA LEU A 207 -4.45 0.71 17.44
C LEU A 207 -5.08 1.45 16.25
N ALA A 208 -5.05 0.88 15.06
CA ALA A 208 -5.74 1.56 13.94
C ALA A 208 -7.21 1.78 14.30
N TRP A 209 -7.82 0.79 14.96
CA TRP A 209 -9.15 0.91 15.54
C TRP A 209 -9.15 1.94 16.63
N GLU A 210 -8.36 1.72 17.66
CA GLU A 210 -8.40 2.59 18.83
C GLU A 210 -8.10 4.03 18.44
N ALA A 211 -6.91 4.29 17.92
CA ALA A 211 -6.54 5.63 17.47
C ALA A 211 -7.41 6.20 16.35
N GLY A 212 -7.86 5.34 15.44
CA GLY A 212 -8.83 5.78 14.42
C GLY A 212 -10.16 6.28 14.98
N GLN A 213 -10.73 5.58 15.97
CA GLN A 213 -11.97 6.01 16.65
C GLN A 213 -11.77 7.25 17.56
N LYS A 214 -10.76 7.25 18.39
CA LYS A 214 -10.52 8.36 19.29
C LYS A 214 -9.98 9.60 18.59
N TYR A 215 -8.87 9.46 17.88
CA TYR A 215 -8.19 10.61 17.22
C TYR A 215 -8.44 10.80 15.72
N GLY A 216 -9.06 9.81 15.06
CA GLY A 216 -9.17 9.85 13.58
C GLY A 216 -7.79 9.81 12.97
N VAL A 217 -6.89 9.09 13.65
CA VAL A 217 -5.54 8.86 13.20
C VAL A 217 -5.51 7.47 12.52
N ARG A 218 -4.68 7.39 11.49
CA ARG A 218 -4.47 6.17 10.76
C ARG A 218 -3.20 5.59 11.32
N VAL A 219 -3.10 4.27 11.19
CA VAL A 219 -2.02 3.51 11.73
C VAL A 219 -1.77 2.35 10.77
N ASN A 220 -0.57 2.28 10.20
CA ASN A 220 -0.23 1.23 9.26
C ASN A 220 1.15 0.61 9.49
N ALA A 221 1.41 -0.49 8.81
CA ALA A 221 2.69 -1.15 8.93
C ALA A 221 3.21 -1.55 7.55
N ILE A 222 4.45 -1.17 7.29
CA ILE A 222 5.18 -1.67 6.14
C ILE A 222 6.05 -2.86 6.56
N SER A 223 5.74 -4.02 5.99
CA SER A 223 6.55 -5.22 6.15
C SER A 223 7.68 -5.14 5.08
N ALA A 224 8.91 -4.88 5.53
CA ALA A 224 9.99 -4.60 4.59
C ALA A 224 10.77 -5.86 4.27
N GLY A 225 11.45 -5.83 3.12
CA GLY A 225 12.43 -6.83 2.74
C GLY A 225 13.82 -6.46 3.26
N PRO A 226 14.81 -7.32 2.97
CA PRO A 226 16.15 -7.17 3.56
C PRO A 226 16.86 -5.91 3.10
N LEU A 227 17.46 -5.19 4.05
CA LEU A 227 18.37 -4.11 3.71
C LEU A 227 19.57 -4.06 4.67
N LYS A 228 20.78 -3.94 4.09
CA LYS A 228 22.04 -3.85 4.87
C LYS A 228 22.14 -2.47 5.54
N SER A 229 21.31 -2.24 6.56
CA SER A 229 21.41 -1.08 7.44
C SER A 229 22.43 -1.40 8.50
N ARG A 230 22.72 -0.43 9.35
CA ARG A 230 23.69 -0.68 10.41
C ARG A 230 23.21 -1.81 11.30
N ALA A 231 21.97 -1.73 11.79
CA ALA A 231 21.42 -2.80 12.63
C ALA A 231 21.39 -4.20 11.97
N ALA A 232 21.04 -4.30 10.70
CA ALA A 232 21.11 -5.60 10.00
C ALA A 232 22.55 -6.18 9.93
N SER A 233 23.54 -5.30 9.76
CA SER A 233 24.93 -5.73 9.68
C SER A 233 25.36 -6.36 10.99
N ALA A 234 24.91 -5.77 12.11
CA ALA A 234 25.20 -6.30 13.44
C ALA A 234 24.66 -7.72 13.71
N ILE A 235 23.70 -8.21 12.93
CA ILE A 235 23.14 -9.54 13.19
C ILE A 235 24.10 -10.62 12.74
N GLY A 236 24.32 -11.58 13.63
CA GLY A 236 25.14 -12.75 13.37
C GLY A 236 26.61 -12.41 13.50
N LYS A 237 26.88 -11.13 13.79
CA LYS A 237 28.17 -10.52 13.54
C LYS A 237 29.34 -11.45 13.85
N SER A 238 30.05 -11.81 12.79
CA SER A 238 31.49 -12.05 12.86
C SER A 238 32.06 -10.86 12.08
N GLY A 239 32.92 -11.13 11.10
CA GLY A 239 33.28 -10.15 10.05
C GLY A 239 33.09 -10.71 8.64
N GLU A 240 32.19 -11.68 8.49
CA GLU A 240 32.02 -12.46 7.25
C GLU A 240 30.64 -12.22 6.59
N LYS A 241 30.30 -13.01 5.58
CA LYS A 241 28.99 -12.93 4.92
C LYS A 241 27.93 -13.35 5.94
N SER A 242 27.09 -12.39 6.35
CA SER A 242 26.21 -12.51 7.52
C SER A 242 24.76 -12.95 7.20
N PHE A 243 23.90 -12.97 8.24
CA PHE A 243 22.48 -13.30 8.12
C PHE A 243 21.86 -12.49 7.01
N ILE A 244 22.14 -11.18 7.04
CA ILE A 244 21.55 -10.23 6.10
C ILE A 244 22.02 -10.37 4.67
N ASP A 245 23.30 -10.67 4.47
CA ASP A 245 23.84 -10.91 3.14
C ASP A 245 23.05 -12.04 2.48
N TYR A 246 22.86 -13.12 3.22
CA TYR A 246 22.06 -14.22 2.71
C TYR A 246 20.59 -13.84 2.49
N ALA A 247 20.04 -12.96 3.32
CA ALA A 247 18.67 -12.55 3.12
C ALA A 247 18.54 -11.85 1.76
N ILE A 248 19.49 -10.96 1.48
CA ILE A 248 19.42 -10.11 0.28
C ILE A 248 19.58 -10.97 -0.94
N ASP A 249 20.59 -11.84 -0.91
CA ASP A 249 20.82 -12.81 -1.98
C ASP A 249 19.57 -13.64 -2.25
N TYR A 250 19.01 -14.22 -1.18
CA TYR A 250 17.84 -15.07 -1.33
C TYR A 250 16.68 -14.31 -2.02
N SER A 251 16.47 -13.07 -1.60
CA SER A 251 15.33 -12.31 -2.06
C SER A 251 15.55 -11.98 -3.50
N TYR A 252 16.79 -11.62 -3.81
CA TYR A 252 17.13 -11.21 -5.14
C TYR A 252 16.88 -12.37 -6.12
N ASN A 253 17.09 -13.58 -5.63
CA ASN A 253 16.94 -14.79 -6.41
C ASN A 253 15.56 -15.41 -6.37
N ASN A 254 14.70 -14.99 -5.44
CA ASN A 254 13.39 -15.65 -5.34
C ASN A 254 12.17 -14.72 -5.42
N ALA A 255 12.42 -13.41 -5.43
CA ALA A 255 11.33 -12.45 -5.54
C ALA A 255 10.87 -12.27 -7.00
N PRO A 256 9.54 -12.16 -7.23
CA PRO A 256 9.01 -11.70 -8.51
C PRO A 256 9.89 -10.65 -9.22
N LEU A 257 10.26 -9.59 -8.53
CA LEU A 257 11.08 -8.57 -9.14
C LEU A 257 12.54 -8.85 -8.77
N ARG A 258 13.35 -9.14 -9.79
CA ARG A 258 14.80 -9.34 -9.61
C ARG A 258 15.45 -7.95 -9.54
N ARG A 259 15.80 -7.51 -8.34
CA ARG A 259 15.98 -6.09 -8.11
C ARG A 259 16.78 -5.83 -6.82
N ASP A 260 17.49 -4.72 -6.77
CA ASP A 260 18.08 -4.31 -5.53
C ASP A 260 17.04 -3.47 -4.79
N LEU A 261 16.64 -3.95 -3.60
CA LEU A 261 15.82 -3.16 -2.67
C LEU A 261 16.70 -2.06 -2.04
N HIS A 262 16.29 -0.81 -2.23
CA HIS A 262 16.98 0.37 -1.70
C HIS A 262 16.10 0.96 -0.60
N SER A 263 16.70 1.63 0.37
CA SER A 263 15.93 2.25 1.43
C SER A 263 14.88 3.26 0.92
N ASP A 264 15.12 3.86 -0.25
CA ASP A 264 14.14 4.74 -0.89
C ASP A 264 12.84 3.98 -1.26
N ASP A 265 12.98 2.73 -1.71
CA ASP A 265 11.81 1.95 -2.04
C ASP A 265 10.78 1.98 -0.89
N VAL A 266 11.24 1.84 0.35
CA VAL A 266 10.37 1.94 1.54
C VAL A 266 10.07 3.41 1.86
N GLY A 267 11.10 4.25 1.71
CA GLY A 267 10.91 5.67 1.88
C GLY A 267 9.61 6.08 1.22
N GLY A 268 9.53 5.85 -0.09
CA GLY A 268 8.33 6.19 -0.90
C GLY A 268 7.07 5.41 -0.56
N ALA A 269 7.19 4.14 -0.15
CA ALA A 269 5.99 3.37 0.19
C ALA A 269 5.36 4.00 1.44
N ALA A 270 6.20 4.24 2.43
CA ALA A 270 5.82 4.95 3.62
C ALA A 270 5.28 6.35 3.33
N LEU A 271 5.94 7.08 2.44
CA LEU A 271 5.52 8.45 2.18
C LEU A 271 4.03 8.44 1.88
N PHE A 272 3.64 7.51 1.02
CA PHE A 272 2.26 7.34 0.64
C PHE A 272 1.41 7.14 1.86
N LEU A 273 1.83 6.21 2.72
CA LEU A 273 1.01 5.81 3.86
C LEU A 273 0.81 6.94 4.86
N LEU A 274 1.77 7.85 4.90
CA LEU A 274 1.70 9.01 5.80
C LEU A 274 1.15 10.26 5.10
N SER A 275 0.57 10.08 3.90
CA SER A 275 0.06 11.18 3.06
C SER A 275 -1.43 11.06 2.82
N PRO A 276 -2.07 12.18 2.52
CA PRO A 276 -3.52 12.22 2.27
C PRO A 276 -3.97 11.29 1.18
N LEU A 277 -3.06 10.85 0.32
CA LEU A 277 -3.39 9.76 -0.60
C LEU A 277 -3.88 8.48 0.05
N ALA A 278 -3.50 8.26 1.30
CA ALA A 278 -3.79 7.03 2.02
C ALA A 278 -4.92 7.20 3.04
N ARG A 279 -5.76 8.21 2.86
CA ARG A 279 -6.70 8.58 3.94
C ARG A 279 -7.81 7.56 4.21
N ALA A 280 -7.99 6.58 3.33
CA ALA A 280 -8.90 5.46 3.57
C ALA A 280 -8.12 4.20 3.89
N VAL A 281 -6.82 4.35 4.05
CA VAL A 281 -5.97 3.20 4.35
C VAL A 281 -5.55 3.23 5.82
N SER A 282 -5.91 2.17 6.55
CA SER A 282 -5.47 2.03 7.92
C SER A 282 -5.52 0.56 8.35
N GLY A 283 -4.61 0.22 9.27
CA GLY A 283 -4.52 -1.13 9.84
C GLY A 283 -3.87 -2.19 8.95
N VAL A 284 -3.20 -1.78 7.87
CA VAL A 284 -2.67 -2.72 6.91
C VAL A 284 -1.20 -3.04 7.13
N THR A 285 -0.83 -4.16 6.54
CA THR A 285 0.55 -4.59 6.44
C THR A 285 0.94 -4.61 4.97
N LEU A 286 1.57 -3.53 4.54
CA LEU A 286 1.96 -3.37 3.17
C LEU A 286 3.36 -3.96 2.98
N TYR A 287 3.44 -5.12 2.33
CA TYR A 287 4.70 -5.69 1.87
C TYR A 287 5.44 -4.83 0.85
N VAL A 288 6.59 -4.28 1.27
CA VAL A 288 7.52 -3.60 0.40
C VAL A 288 8.80 -4.47 0.32
N ASP A 289 8.77 -5.50 -0.53
CA ASP A 289 9.72 -6.61 -0.47
C ASP A 289 10.03 -7.22 -1.85
N ASN A 290 9.87 -6.44 -2.91
CA ASN A 290 9.91 -6.95 -4.30
C ASN A 290 9.00 -8.15 -4.58
N GLY A 291 7.92 -8.27 -3.83
CA GLY A 291 6.96 -9.34 -4.06
C GLY A 291 7.33 -10.69 -3.46
N LEU A 292 8.38 -10.71 -2.64
CA LEU A 292 8.79 -11.99 -2.04
C LEU A 292 7.63 -12.67 -1.28
N HIS A 293 6.89 -11.89 -0.49
CA HIS A 293 5.80 -12.40 0.31
C HIS A 293 4.81 -13.26 -0.47
N ALA A 294 4.65 -13.00 -1.76
CA ALA A 294 3.61 -13.71 -2.49
C ALA A 294 3.98 -15.13 -2.87
N MET A 295 5.26 -15.47 -2.70
CA MET A 295 5.78 -16.78 -3.12
C MET A 295 5.54 -17.91 -2.15
N GLY A 296 5.18 -19.06 -2.69
CA GLY A 296 4.92 -20.24 -1.91
C GLY A 296 5.97 -21.33 -2.06
N GLN A 297 7.15 -20.93 -2.53
CA GLN A 297 8.19 -21.86 -2.97
C GLN A 297 9.37 -21.07 -3.50
N ALA A 298 10.58 -21.40 -3.06
CA ALA A 298 11.78 -20.82 -3.64
C ALA A 298 12.02 -21.44 -5.02
N VAL A 299 12.40 -20.61 -5.97
CA VAL A 299 12.77 -21.09 -7.29
C VAL A 299 14.21 -21.64 -7.41
N ASP A 300 15.16 -21.16 -6.59
CA ASP A 300 16.55 -21.63 -6.65
C ASP A 300 16.87 -22.74 -5.64
N SER A 301 15.88 -23.54 -5.26
CA SER A 301 16.15 -24.63 -4.33
C SER A 301 17.03 -25.70 -4.99
N ARG A 302 17.88 -26.32 -4.19
CA ARG A 302 18.72 -27.43 -4.64
C ARG A 302 17.95 -28.72 -4.81
N SER A 303 16.67 -28.73 -4.46
CA SER A 303 15.76 -29.82 -4.82
C SER A 303 15.35 -29.69 -6.29
N MET A 304 15.61 -28.74 -6.84
CA MET A 304 14.92 -28.17 -8.02
C MET A 304 15.93 -27.95 -9.16
N PRO A 305 15.81 -27.96 -10.44
CA PRO A 305 16.84 -27.59 -11.43
C PRO A 305 16.79 -26.08 -11.76
N PRO A 306 17.95 -25.46 -12.07
CA PRO A 306 17.95 -24.10 -12.67
C PRO A 306 17.08 -23.97 -13.93
N PHE B 3 6.54 16.78 -8.07
CA PHE B 3 7.73 15.86 -8.15
C PHE B 3 7.72 14.61 -7.23
N PRO B 4 6.86 14.57 -6.17
CA PRO B 4 6.87 13.29 -5.41
C PRO B 4 6.19 12.14 -6.20
N ILE B 5 5.06 12.42 -6.86
CA ILE B 5 4.59 11.54 -7.93
C ILE B 5 4.50 12.32 -9.24
N ASP B 6 5.19 11.82 -10.26
CA ASP B 6 5.37 12.53 -11.52
C ASP B 6 5.42 11.52 -12.65
N LEU B 7 4.30 11.41 -13.38
CA LEU B 7 4.11 10.37 -14.38
C LEU B 7 4.21 10.92 -15.80
N ARG B 8 4.70 12.16 -15.93
CA ARG B 8 4.85 12.76 -17.24
C ARG B 8 5.77 11.86 -18.05
N GLY B 9 5.44 11.68 -19.33
CA GLY B 9 6.12 10.70 -20.17
C GLY B 9 5.32 9.42 -20.22
N GLN B 10 4.73 9.01 -19.12
CA GLN B 10 4.12 7.68 -19.07
C GLN B 10 2.71 7.71 -19.62
N THR B 11 2.28 6.54 -20.08
CA THR B 11 0.97 6.33 -20.70
C THR B 11 0.29 5.19 -19.99
N ALA B 12 -0.99 5.37 -19.73
CA ALA B 12 -1.77 4.41 -18.97
C ALA B 12 -2.99 3.99 -19.73
N PHE B 13 -3.37 2.72 -19.52
CA PHE B 13 -4.61 2.20 -20.08
C PHE B 13 -5.54 1.68 -19.00
N VAL B 14 -6.71 2.28 -18.91
CA VAL B 14 -7.68 1.99 -17.87
C VAL B 14 -8.90 1.24 -18.40
N ALA B 15 -8.90 -0.08 -18.29
CA ALA B 15 -10.06 -0.91 -18.71
C ALA B 15 -11.19 -0.80 -17.71
N GLY B 16 -12.37 -0.40 -18.18
CA GLY B 16 -13.59 -0.35 -17.37
C GLY B 16 -14.00 1.06 -16.96
N VAL B 17 -14.04 2.02 -17.90
CA VAL B 17 -14.62 3.35 -17.63
C VAL B 17 -15.82 3.64 -18.54
N ALA B 18 -17.01 3.55 -17.98
CA ALA B 18 -18.26 3.88 -18.69
C ALA B 18 -18.90 5.21 -18.23
N ASP B 19 -18.40 5.82 -17.16
CA ASP B 19 -19.07 6.98 -16.55
C ASP B 19 -18.16 7.63 -15.51
N SER B 20 -18.66 8.61 -14.75
CA SER B 20 -17.80 9.34 -13.79
C SER B 20 -18.00 8.89 -12.35
N HIS B 21 -18.67 7.77 -12.16
CA HIS B 21 -19.13 7.35 -10.82
C HIS B 21 -18.45 6.13 -10.23
N GLY B 22 -17.72 5.39 -11.07
CA GLY B 22 -17.00 4.20 -10.64
C GLY B 22 -15.57 4.53 -10.25
N TYR B 23 -14.94 3.53 -9.67
CA TYR B 23 -13.55 3.64 -9.25
C TYR B 23 -12.64 3.85 -10.43
N GLY B 24 -12.95 3.23 -11.57
CA GLY B 24 -12.20 3.42 -12.80
C GLY B 24 -12.05 4.88 -13.18
N TRP B 25 -13.15 5.64 -13.15
CA TRP B 25 -13.05 7.07 -13.40
C TRP B 25 -12.06 7.74 -12.49
N ALA B 26 -12.14 7.46 -11.20
CA ALA B 26 -11.29 8.13 -10.21
C ALA B 26 -9.79 7.86 -10.42
N ILE B 27 -9.46 6.61 -10.75
CA ILE B 27 -8.08 6.18 -10.99
C ILE B 27 -7.55 6.92 -12.20
N ALA B 28 -8.22 6.74 -13.32
CA ALA B 28 -7.92 7.52 -14.51
C ALA B 28 -7.75 9.02 -14.18
N LYS B 29 -8.62 9.57 -13.34
CA LYS B 29 -8.55 11.00 -13.00
C LYS B 29 -7.23 11.38 -12.34
N HIS B 30 -6.83 10.59 -11.34
CA HIS B 30 -5.57 10.81 -10.62
C HIS B 30 -4.34 10.52 -11.46
N LEU B 31 -4.36 9.40 -12.19
CA LEU B 31 -3.27 9.07 -13.13
C LEU B 31 -3.00 10.26 -14.04
N ALA B 32 -4.06 10.74 -14.68
CA ALA B 32 -3.98 11.91 -15.56
C ALA B 32 -3.49 13.12 -14.80
N SER B 33 -3.96 13.25 -13.56
CA SER B 33 -3.62 14.37 -12.72
C SER B 33 -2.14 14.43 -12.41
N ALA B 34 -1.44 13.34 -12.67
CA ALA B 34 -0.04 13.22 -12.31
C ALA B 34 0.89 13.35 -13.50
N GLY B 35 0.34 13.71 -14.68
CA GLY B 35 1.14 13.86 -15.89
C GLY B 35 1.05 12.72 -16.90
N ALA B 36 0.26 11.71 -16.61
CA ALA B 36 0.19 10.57 -17.53
C ALA B 36 -0.77 10.81 -18.66
N ARG B 37 -0.44 10.21 -19.79
CA ARG B 37 -1.42 10.03 -20.83
C ARG B 37 -2.34 8.89 -20.37
N VAL B 38 -3.65 9.11 -20.43
CA VAL B 38 -4.63 8.09 -20.03
C VAL B 38 -5.66 7.70 -21.11
N ALA B 39 -5.58 6.44 -21.56
CA ALA B 39 -6.54 5.85 -22.48
C ALA B 39 -7.54 4.97 -21.75
N LEU B 40 -8.79 5.00 -22.18
CA LEU B 40 -9.84 4.20 -21.58
C LEU B 40 -10.26 3.06 -22.48
N GLY B 41 -10.61 1.94 -21.88
CA GLY B 41 -11.31 0.88 -22.59
C GLY B 41 -12.73 0.93 -22.09
N THR B 42 -13.70 0.98 -23.00
CA THR B 42 -15.10 1.12 -22.60
C THR B 42 -15.98 0.06 -23.28
N TRP B 43 -16.79 -0.60 -22.45
CA TRP B 43 -17.74 -1.62 -22.88
C TRP B 43 -18.63 -1.07 -24.04
N PRO B 44 -18.64 -1.77 -25.20
CA PRO B 44 -19.29 -1.17 -26.38
C PRO B 44 -20.75 -0.73 -26.20
N PRO B 45 -21.59 -1.60 -25.61
CA PRO B 45 -23.00 -1.17 -25.49
C PRO B 45 -23.15 0.21 -24.83
N VAL B 46 -22.24 0.58 -23.94
CA VAL B 46 -22.34 1.88 -23.26
C VAL B 46 -21.37 2.93 -23.79
N LEU B 47 -20.63 2.62 -24.84
CA LEU B 47 -19.67 3.61 -25.35
C LEU B 47 -20.36 4.86 -25.89
N GLY B 48 -21.46 4.66 -26.63
CA GLY B 48 -22.18 5.76 -27.25
C GLY B 48 -22.55 6.85 -26.26
N LEU B 49 -23.25 6.47 -25.19
CA LEU B 49 -23.68 7.41 -24.15
C LEU B 49 -22.51 8.08 -23.43
N PHE B 50 -21.40 7.35 -23.31
CA PHE B 50 -20.22 7.89 -22.64
C PHE B 50 -19.60 8.98 -23.47
N GLN B 51 -19.45 8.67 -24.75
CA GLN B 51 -18.94 9.63 -25.72
C GLN B 51 -19.75 10.91 -25.66
N LYS B 52 -21.09 10.75 -25.70
CA LYS B 52 -22.01 11.88 -25.61
C LYS B 52 -21.71 12.68 -24.37
N SER B 53 -21.77 12.00 -23.23
CA SER B 53 -21.44 12.62 -21.93
C SER B 53 -20.22 13.50 -22.02
N LEU B 54 -19.17 12.99 -22.66
CA LEU B 54 -17.91 13.73 -22.71
C LEU B 54 -17.95 14.91 -23.64
N GLN B 55 -18.41 14.72 -24.88
CA GLN B 55 -18.45 15.86 -25.80
C GLN B 55 -19.53 16.88 -25.44
N SER B 56 -20.57 16.49 -24.72
CA SER B 56 -21.66 17.41 -24.37
C SER B 56 -21.25 18.50 -23.36
N GLY B 57 -20.09 18.33 -22.73
CA GLY B 57 -19.68 19.16 -21.61
C GLY B 57 -20.45 18.83 -20.35
N ARG B 58 -21.20 17.72 -20.35
CA ARG B 58 -21.99 17.35 -19.19
C ARG B 58 -21.12 16.79 -18.05
N LEU B 59 -19.90 16.35 -18.37
CA LEU B 59 -18.99 15.83 -17.33
C LEU B 59 -17.82 16.77 -17.04
N ASP B 60 -17.91 18.02 -17.49
CA ASP B 60 -16.83 18.99 -17.28
C ASP B 60 -16.54 19.28 -15.80
N GLU B 61 -17.51 19.03 -14.91
CA GLU B 61 -17.30 19.18 -13.45
C GLU B 61 -16.38 18.04 -12.94
N ASP B 62 -16.78 16.81 -13.28
CA ASP B 62 -16.05 15.62 -12.86
C ASP B 62 -14.69 15.54 -13.53
N ARG B 63 -14.42 16.38 -14.52
CA ARG B 63 -13.11 16.39 -15.14
C ARG B 63 -12.19 17.45 -14.57
N LYS B 64 -12.73 18.35 -13.76
CA LYS B 64 -11.92 19.45 -13.23
C LYS B 64 -10.83 18.83 -12.39
N LEU B 65 -9.61 19.04 -12.85
CA LEU B 65 -8.42 18.70 -12.09
C LEU B 65 -8.27 19.84 -11.09
N PRO B 66 -7.47 19.62 -10.04
CA PRO B 66 -7.33 20.64 -8.99
C PRO B 66 -7.12 22.07 -9.49
N ASP B 67 -6.30 22.25 -10.53
CA ASP B 67 -5.98 23.60 -11.08
C ASP B 67 -6.97 24.13 -12.13
N GLY B 68 -8.14 23.51 -12.24
CA GLY B 68 -9.18 23.98 -13.16
C GLY B 68 -9.09 23.41 -14.56
N SER B 69 -7.90 22.91 -14.96
CA SER B 69 -7.72 22.23 -16.25
C SER B 69 -8.64 21.01 -16.35
N LEU B 70 -8.98 20.64 -17.58
CA LEU B 70 -9.84 19.47 -17.81
C LEU B 70 -9.02 18.28 -18.32
N ILE B 71 -9.41 17.11 -17.85
CA ILE B 71 -8.80 15.85 -18.22
C ILE B 71 -9.00 15.52 -19.68
N GLU B 72 -7.90 15.32 -20.39
CA GLU B 72 -7.94 14.80 -21.75
C GLU B 72 -7.77 13.29 -21.71
N PHE B 73 -8.47 12.57 -22.56
CA PHE B 73 -8.21 11.14 -22.71
C PHE B 73 -7.56 10.88 -24.03
N ALA B 74 -6.43 10.20 -24.02
CA ALA B 74 -5.72 9.92 -25.28
C ALA B 74 -6.27 8.69 -26.00
N GLY B 75 -7.59 8.56 -26.06
CA GLY B 75 -8.25 7.44 -26.75
C GLY B 75 -9.26 6.72 -25.87
N VAL B 76 -10.37 6.30 -26.47
CA VAL B 76 -11.46 5.66 -25.74
C VAL B 76 -11.88 4.45 -26.55
N TYR B 77 -11.44 3.28 -26.13
CA TYR B 77 -11.48 2.12 -27.01
C TYR B 77 -12.65 1.19 -26.65
N PRO B 78 -13.47 0.82 -27.64
CA PRO B 78 -14.40 -0.29 -27.48
C PRO B 78 -13.68 -1.51 -26.95
N LEU B 79 -14.26 -2.14 -25.94
CA LEU B 79 -13.57 -3.19 -25.22
C LEU B 79 -14.57 -4.02 -24.45
N ASP B 80 -14.71 -5.27 -24.88
CA ASP B 80 -15.46 -6.26 -24.18
C ASP B 80 -14.47 -7.34 -23.72
N ALA B 81 -14.08 -7.26 -22.45
CA ALA B 81 -13.09 -8.16 -21.88
C ALA B 81 -13.64 -9.55 -21.57
N ALA B 82 -14.85 -9.87 -22.05
CA ALA B 82 -15.31 -11.25 -22.12
C ALA B 82 -14.83 -11.98 -23.41
N PHE B 83 -14.17 -11.25 -24.31
CA PHE B 83 -13.67 -11.83 -25.55
C PHE B 83 -12.19 -11.51 -25.73
N ASP B 84 -11.42 -12.56 -25.92
CA ASP B 84 -9.97 -12.47 -26.14
C ASP B 84 -9.64 -12.10 -27.57
N LYS B 85 -10.41 -12.67 -28.50
CA LYS B 85 -10.15 -12.50 -29.93
C LYS B 85 -11.38 -12.76 -30.84
N PRO B 86 -11.35 -12.23 -32.08
CA PRO B 86 -12.48 -12.26 -32.99
C PRO B 86 -13.21 -13.59 -33.09
N GLU B 87 -12.49 -14.67 -33.24
CA GLU B 87 -13.18 -15.95 -33.35
C GLU B 87 -14.03 -16.29 -32.11
N ASP B 88 -13.86 -15.54 -31.02
CA ASP B 88 -14.55 -15.84 -29.77
C ASP B 88 -15.93 -15.19 -29.68
N VAL B 89 -16.13 -14.11 -30.43
CA VAL B 89 -17.36 -13.36 -30.33
C VAL B 89 -18.44 -14.12 -31.06
N PRO B 90 -19.56 -14.44 -30.38
CA PRO B 90 -20.69 -15.09 -31.04
C PRO B 90 -21.30 -14.28 -32.15
N GLN B 91 -22.05 -14.92 -33.02
CA GLN B 91 -22.81 -14.22 -34.06
C GLN B 91 -23.85 -13.27 -33.46
N ASP B 92 -24.53 -13.68 -32.38
CA ASP B 92 -25.61 -12.86 -31.79
C ASP B 92 -25.11 -11.57 -31.13
N ILE B 93 -23.82 -11.53 -30.81
CA ILE B 93 -23.20 -10.30 -30.34
C ILE B 93 -22.81 -9.38 -31.52
N LYS B 94 -22.25 -9.94 -32.58
CA LYS B 94 -21.90 -9.15 -33.76
C LYS B 94 -23.20 -8.63 -34.33
N ASP B 95 -24.23 -9.48 -34.30
CA ASP B 95 -25.62 -9.10 -34.64
C ASP B 95 -26.13 -8.01 -33.69
N ASN B 96 -26.22 -8.30 -32.40
CA ASN B 96 -26.67 -7.32 -31.39
C ASN B 96 -26.50 -5.84 -31.82
N LYS B 97 -27.61 -5.11 -31.74
CA LYS B 97 -27.66 -3.70 -32.21
C LYS B 97 -26.61 -2.85 -31.51
N ARG B 98 -26.42 -3.14 -30.23
CA ARG B 98 -25.64 -2.30 -29.31
C ARG B 98 -24.15 -2.30 -29.67
N TYR B 99 -23.69 -3.40 -30.24
CA TYR B 99 -22.31 -3.50 -30.75
C TYR B 99 -22.23 -2.95 -32.16
N ALA B 100 -23.36 -2.99 -32.86
CA ALA B 100 -23.43 -2.45 -34.21
C ALA B 100 -22.87 -1.02 -34.27
N GLY B 101 -21.78 -0.84 -35.00
CA GLY B 101 -21.15 0.48 -35.14
C GLY B 101 -19.65 0.43 -35.01
N VAL B 102 -19.16 -0.35 -34.03
CA VAL B 102 -17.72 -0.41 -33.73
C VAL B 102 -17.18 -1.83 -33.89
N ASP B 103 -15.96 -1.94 -34.39
CA ASP B 103 -15.22 -3.20 -34.39
C ASP B 103 -13.96 -3.12 -33.49
N GLY B 104 -13.23 -4.24 -33.39
CA GLY B 104 -11.90 -4.24 -32.76
C GLY B 104 -11.93 -4.12 -31.25
N TYR B 105 -12.92 -4.77 -30.65
CA TYR B 105 -13.21 -4.62 -29.22
C TYR B 105 -12.81 -5.84 -28.35
N THR B 106 -12.22 -6.87 -28.93
CA THR B 106 -11.61 -7.94 -28.13
C THR B 106 -10.26 -7.49 -27.55
N ILE B 107 -9.84 -8.15 -26.48
CA ILE B 107 -8.64 -7.78 -25.75
C ILE B 107 -7.42 -7.82 -26.67
N LYS B 108 -7.34 -8.83 -27.54
CA LYS B 108 -6.20 -8.91 -28.46
C LYS B 108 -6.17 -7.72 -29.39
N GLU B 109 -7.36 -7.31 -29.84
CA GLU B 109 -7.49 -6.25 -30.83
C GLU B 109 -7.29 -4.88 -30.22
N VAL B 110 -7.74 -4.71 -28.98
CA VAL B 110 -7.55 -3.42 -28.32
C VAL B 110 -6.08 -3.21 -27.99
N ALA B 111 -5.40 -4.29 -27.61
CA ALA B 111 -3.97 -4.23 -27.34
C ALA B 111 -3.23 -3.77 -28.57
N VAL B 112 -3.56 -4.41 -29.68
CA VAL B 112 -2.95 -4.13 -30.96
C VAL B 112 -3.24 -2.67 -31.36
N LYS B 113 -4.51 -2.25 -31.34
CA LYS B 113 -4.88 -0.84 -31.60
C LYS B 113 -4.04 0.13 -30.76
N VAL B 114 -3.99 -0.10 -29.46
CA VAL B 114 -3.23 0.77 -28.54
C VAL B 114 -1.72 0.80 -28.83
N LYS B 115 -1.15 -0.35 -29.17
CA LYS B 115 0.29 -0.40 -29.45
C LYS B 115 0.67 0.54 -30.58
N GLN B 116 -0.14 0.58 -31.63
CA GLN B 116 0.26 1.36 -32.79
C GLN B 116 -0.25 2.79 -32.79
N ASP B 117 -1.38 3.05 -32.14
CA ASP B 117 -1.87 4.41 -31.93
C ASP B 117 -1.02 5.18 -30.90
N LEU B 118 -0.58 4.51 -29.85
CA LEU B 118 0.10 5.17 -28.73
C LEU B 118 1.51 4.68 -28.41
N GLY B 119 1.91 3.55 -28.98
CA GLY B 119 3.18 2.89 -28.59
C GLY B 119 3.04 1.99 -27.36
N ASN B 120 4.19 1.69 -26.73
CA ASN B 120 4.26 0.92 -25.49
C ASN B 120 3.67 1.68 -24.34
N ILE B 121 2.96 0.97 -23.46
CA ILE B 121 2.36 1.59 -22.26
C ILE B 121 3.12 1.26 -21.01
N ASP B 122 2.77 2.00 -19.95
CA ASP B 122 3.44 1.90 -18.68
C ASP B 122 2.55 1.38 -17.57
N ILE B 123 1.26 1.67 -17.65
CA ILE B 123 0.35 1.53 -16.53
C ILE B 123 -0.93 0.86 -17.02
N LEU B 124 -1.32 -0.23 -16.36
CA LEU B 124 -2.51 -0.98 -16.78
C LEU B 124 -3.50 -1.10 -15.63
N VAL B 125 -4.74 -0.72 -15.85
CA VAL B 125 -5.73 -0.68 -14.76
C VAL B 125 -6.93 -1.55 -15.13
N HIS B 126 -7.33 -2.46 -14.25
CA HIS B 126 -8.44 -3.40 -14.52
C HIS B 126 -9.50 -3.03 -13.51
N SER B 127 -10.53 -2.34 -13.99
CA SER B 127 -11.63 -1.85 -13.15
C SER B 127 -12.98 -2.32 -13.69
N LEU B 128 -13.22 -3.62 -13.65
CA LEU B 128 -14.41 -4.18 -14.29
C LEU B 128 -14.74 -5.58 -13.80
N ALA B 129 -16.03 -5.81 -13.58
CA ALA B 129 -16.57 -7.10 -13.22
C ALA B 129 -18.04 -7.21 -13.71
N ASN B 130 -18.51 -8.43 -13.82
CA ASN B 130 -19.86 -8.70 -14.21
C ASN B 130 -20.30 -10.10 -13.76
N GLY B 131 -21.18 -10.10 -12.77
CA GLY B 131 -21.81 -11.31 -12.25
C GLY B 131 -23.30 -11.33 -12.58
N PRO B 132 -23.67 -11.99 -13.69
CA PRO B 132 -25.05 -12.20 -14.08
C PRO B 132 -25.98 -12.55 -12.93
N GLU B 133 -25.54 -13.41 -12.02
CA GLU B 133 -26.38 -13.86 -10.91
C GLU B 133 -25.92 -13.36 -9.54
N VAL B 134 -25.29 -12.18 -9.50
CA VAL B 134 -24.80 -11.62 -8.21
C VAL B 134 -25.81 -11.64 -7.03
N THR B 135 -27.12 -11.54 -7.31
CA THR B 135 -28.09 -11.44 -6.19
C THR B 135 -28.52 -12.77 -5.63
N LYS B 136 -28.06 -13.87 -6.26
CA LYS B 136 -28.31 -15.25 -5.81
C LYS B 136 -27.20 -15.68 -4.87
N PRO B 137 -27.57 -16.28 -3.74
CA PRO B 137 -26.51 -16.88 -2.96
C PRO B 137 -25.95 -18.12 -3.65
N LEU B 138 -24.79 -18.57 -3.17
CA LEU B 138 -23.96 -19.57 -3.84
C LEU B 138 -24.75 -20.86 -4.03
N LEU B 139 -25.57 -21.21 -3.04
CA LEU B 139 -26.41 -22.41 -3.15
C LEU B 139 -27.43 -22.32 -4.28
N GLU B 140 -27.64 -21.13 -4.83
CA GLU B 140 -28.65 -20.87 -5.83
C GLU B 140 -28.10 -20.38 -7.18
N THR B 141 -26.79 -20.10 -7.20
CA THR B 141 -26.03 -19.78 -8.42
C THR B 141 -25.77 -21.01 -9.32
N SER B 142 -25.93 -20.83 -10.63
CA SER B 142 -25.74 -21.92 -11.59
C SER B 142 -24.33 -21.92 -12.21
N ARG B 143 -23.92 -23.09 -12.70
CA ARG B 143 -22.61 -23.26 -13.34
C ARG B 143 -22.33 -22.11 -14.33
N LYS B 144 -23.36 -21.76 -15.10
CA LYS B 144 -23.23 -20.80 -16.15
C LYS B 144 -23.01 -19.43 -15.51
N GLY B 145 -23.80 -19.07 -14.50
CA GLY B 145 -23.64 -17.75 -13.86
C GLY B 145 -22.32 -17.57 -13.11
N TYR B 146 -21.88 -18.66 -12.50
CA TYR B 146 -20.60 -18.72 -11.78
C TYR B 146 -19.47 -18.56 -12.78
N LEU B 147 -19.53 -19.35 -13.83
CA LEU B 147 -18.46 -19.33 -14.81
C LEU B 147 -18.38 -17.97 -15.53
N ALA B 148 -19.53 -17.34 -15.74
CA ALA B 148 -19.56 -15.99 -16.35
C ALA B 148 -18.93 -14.92 -15.45
N ALA B 149 -19.10 -15.08 -14.15
CA ALA B 149 -18.59 -14.11 -13.19
C ALA B 149 -17.07 -14.23 -13.15
N SER B 150 -16.62 -15.47 -13.28
CA SER B 150 -15.20 -15.79 -13.34
C SER B 150 -14.61 -15.25 -14.62
N SER B 151 -15.25 -15.63 -15.71
CA SER B 151 -14.84 -15.17 -17.01
C SER B 151 -14.78 -13.65 -17.10
N ASN B 152 -15.83 -12.96 -16.68
CA ASN B 152 -15.86 -11.47 -16.78
C ASN B 152 -14.92 -10.77 -15.83
N SER B 153 -14.80 -11.27 -14.62
CA SER B 153 -14.20 -10.50 -13.55
C SER B 153 -12.80 -10.93 -13.15
N ALA B 154 -12.41 -12.17 -13.47
CA ALA B 154 -11.06 -12.70 -13.18
C ALA B 154 -10.21 -13.09 -14.42
N TYR B 155 -10.73 -13.91 -15.33
CA TYR B 155 -9.91 -14.27 -16.48
C TYR B 155 -9.59 -13.00 -17.26
N SER B 156 -10.58 -12.16 -17.48
CA SER B 156 -10.36 -10.79 -18.01
C SER B 156 -9.03 -10.11 -17.62
N PHE B 157 -8.61 -10.29 -16.37
CA PHE B 157 -7.37 -9.72 -15.89
C PHE B 157 -6.17 -10.43 -16.45
N VAL B 158 -6.24 -11.76 -16.47
CA VAL B 158 -5.16 -12.56 -16.96
C VAL B 158 -4.98 -12.26 -18.45
N SER B 159 -6.09 -12.14 -19.15
CA SER B 159 -6.07 -11.91 -20.59
C SER B 159 -5.46 -10.57 -20.86
N LEU B 160 -5.80 -9.57 -20.06
CA LEU B 160 -5.24 -8.26 -20.23
C LEU B 160 -3.74 -8.26 -20.05
N LEU B 161 -3.28 -8.98 -19.07
CA LEU B 161 -1.86 -9.00 -18.82
C LEU B 161 -1.16 -9.74 -19.95
N GLN B 162 -1.76 -10.88 -20.33
CA GLN B 162 -1.33 -11.68 -21.47
C GLN B 162 -1.16 -10.82 -22.75
N HIS B 163 -2.04 -9.85 -22.97
CA HIS B 163 -1.97 -9.10 -24.24
C HIS B 163 -1.34 -7.71 -24.11
N PHE B 164 -1.24 -7.19 -22.89
CA PHE B 164 -0.65 -5.90 -22.71
C PHE B 164 0.76 -5.98 -22.22
N GLY B 165 1.09 -7.04 -21.49
CA GLY B 165 2.44 -7.20 -20.99
C GLY B 165 3.52 -7.18 -22.06
N PRO B 166 3.22 -7.78 -23.22
CA PRO B 166 4.15 -7.63 -24.32
C PRO B 166 4.38 -6.18 -24.76
N ILE B 167 3.43 -5.31 -24.57
CA ILE B 167 3.61 -3.93 -25.00
C ILE B 167 3.84 -3.01 -23.82
N MET B 168 4.27 -3.59 -22.69
CA MET B 168 4.46 -2.84 -21.45
C MET B 168 5.94 -2.58 -21.16
N ASN B 169 6.31 -1.36 -20.85
CA ASN B 169 7.71 -1.07 -20.46
C ASN B 169 8.15 -1.75 -19.18
N GLU B 170 9.45 -2.02 -19.08
CA GLU B 170 10.05 -2.69 -17.93
C GLU B 170 9.91 -1.70 -16.81
N GLY B 171 9.41 -2.15 -15.65
CA GLY B 171 9.04 -1.24 -14.57
C GLY B 171 7.59 -0.76 -14.62
N GLY B 172 6.82 -1.33 -15.54
CA GLY B 172 5.41 -1.05 -15.61
C GLY B 172 4.70 -1.62 -14.40
N SER B 173 3.41 -1.34 -14.29
CA SER B 173 2.64 -1.71 -13.13
C SER B 173 1.17 -1.89 -13.51
N ALA B 174 0.47 -2.72 -12.76
CA ALA B 174 -0.92 -3.06 -13.12
C ALA B 174 -1.82 -3.22 -11.89
N VAL B 175 -2.99 -2.64 -11.92
CA VAL B 175 -3.81 -2.77 -10.72
C VAL B 175 -5.20 -3.31 -11.06
N THR B 176 -5.72 -4.14 -10.19
CA THR B 176 -7.07 -4.65 -10.33
C THR B 176 -7.83 -4.33 -9.04
N LEU B 177 -9.09 -4.72 -8.95
CA LEU B 177 -9.89 -4.35 -7.77
C LEU B 177 -10.77 -5.45 -7.23
N SER B 178 -10.48 -5.86 -6.00
CA SER B 178 -11.24 -6.90 -5.33
C SER B 178 -12.19 -6.35 -4.26
N TYR B 179 -12.84 -7.30 -3.58
CA TYR B 179 -13.65 -6.99 -2.43
C TYR B 179 -13.46 -8.06 -1.35
N LEU B 180 -13.61 -7.62 -0.11
CA LEU B 180 -13.46 -8.46 1.07
C LEU B 180 -14.17 -9.82 1.03
N ALA B 181 -15.30 -9.90 0.35
CA ALA B 181 -15.95 -11.17 0.05
C ALA B 181 -14.98 -12.30 -0.42
N ALA B 182 -13.93 -11.95 -1.14
CA ALA B 182 -12.91 -12.91 -1.57
C ALA B 182 -12.31 -13.67 -0.40
N GLU B 183 -12.04 -12.97 0.70
CA GLU B 183 -11.39 -13.58 1.88
C GLU B 183 -12.37 -14.03 2.94
N ARG B 184 -13.39 -13.22 3.13
CA ARG B 184 -14.36 -13.51 4.18
C ARG B 184 -15.81 -13.32 3.72
N VAL B 185 -16.71 -14.12 4.29
CA VAL B 185 -18.10 -14.13 3.90
C VAL B 185 -18.77 -12.79 4.10
N VAL B 186 -19.36 -12.32 2.99
CA VAL B 186 -20.21 -11.16 2.91
C VAL B 186 -21.56 -11.56 2.29
N PRO B 187 -22.61 -11.66 3.14
CA PRO B 187 -23.96 -11.94 2.63
C PRO B 187 -24.42 -10.86 1.67
N GLY B 188 -25.04 -11.35 0.60
CA GLY B 188 -25.57 -10.52 -0.47
C GLY B 188 -24.69 -10.43 -1.69
N TYR B 189 -23.38 -10.67 -1.54
CA TYR B 189 -22.41 -10.60 -2.63
C TYR B 189 -22.30 -11.96 -3.34
N GLY B 190 -23.35 -12.38 -4.04
CA GLY B 190 -23.46 -13.75 -4.51
C GLY B 190 -23.04 -13.93 -5.93
N GLY B 191 -23.53 -14.98 -6.56
CA GLY B 191 -23.35 -15.16 -7.99
C GLY B 191 -21.96 -15.57 -8.40
N GLY B 192 -21.20 -16.09 -7.46
CA GLY B 192 -19.85 -16.53 -7.72
C GLY B 192 -18.85 -15.40 -7.83
N MET B 193 -19.25 -14.22 -7.34
CA MET B 193 -18.42 -13.03 -7.39
C MET B 193 -17.36 -13.06 -6.33
N SER B 194 -17.74 -13.50 -5.12
CA SER B 194 -16.80 -13.75 -4.06
C SER B 194 -15.74 -14.68 -4.62
N SER B 195 -16.24 -15.75 -5.23
CA SER B 195 -15.42 -16.80 -5.75
C SER B 195 -14.41 -16.21 -6.71
N ALA B 196 -14.90 -15.47 -7.68
CA ALA B 196 -14.07 -14.88 -8.71
C ALA B 196 -13.02 -13.91 -8.18
N LYS B 197 -13.38 -13.13 -7.16
CA LYS B 197 -12.49 -12.17 -6.55
C LYS B 197 -11.36 -12.93 -5.85
N ALA B 198 -11.70 -14.02 -5.17
CA ALA B 198 -10.68 -14.86 -4.57
C ALA B 198 -9.67 -15.27 -5.63
N ALA B 199 -10.14 -15.68 -6.82
CA ALA B 199 -9.25 -16.03 -7.92
C ALA B 199 -8.54 -14.81 -8.50
N LEU B 200 -9.20 -13.67 -8.51
CA LEU B 200 -8.53 -12.45 -8.93
C LEU B 200 -7.35 -12.16 -7.99
N GLU B 201 -7.51 -12.44 -6.70
CA GLU B 201 -6.42 -12.18 -5.78
C GLU B 201 -5.32 -13.17 -5.97
N SER B 202 -5.68 -14.45 -6.08
CA SER B 202 -4.69 -15.50 -6.34
C SER B 202 -3.92 -15.17 -7.59
N ASP B 203 -4.62 -14.90 -8.67
CA ASP B 203 -3.97 -14.53 -9.92
C ASP B 203 -3.14 -13.21 -9.85
N THR B 204 -3.51 -12.23 -9.00
CA THR B 204 -2.67 -11.07 -8.81
C THR B 204 -1.28 -11.52 -8.32
N ARG B 205 -1.25 -12.53 -7.46
CA ARG B 205 0.02 -13.09 -6.98
C ARG B 205 0.82 -13.86 -8.04
N THR B 206 0.19 -14.84 -8.66
CA THR B 206 0.79 -15.59 -9.74
C THR B 206 1.29 -14.69 -10.89
N LEU B 207 0.50 -13.68 -11.24
CA LEU B 207 0.90 -12.79 -12.32
C LEU B 207 2.08 -11.93 -11.84
N ALA B 208 2.10 -11.56 -10.57
CA ALA B 208 3.19 -10.73 -10.11
C ALA B 208 4.48 -11.49 -10.34
N TRP B 209 4.41 -12.80 -10.18
CA TRP B 209 5.54 -13.66 -10.40
C TRP B 209 5.82 -13.77 -11.91
N GLU B 210 4.84 -14.27 -12.66
CA GLU B 210 5.04 -14.50 -14.09
C GLU B 210 5.43 -13.24 -14.86
N ALA B 211 4.82 -12.13 -14.49
CA ALA B 211 5.03 -10.85 -15.14
C ALA B 211 6.21 -10.08 -14.54
N GLY B 212 6.59 -10.43 -13.31
CA GLY B 212 7.76 -9.84 -12.69
C GLY B 212 9.00 -10.32 -13.42
N GLN B 213 8.98 -11.59 -13.81
CA GLN B 213 10.15 -12.27 -14.33
C GLN B 213 10.25 -12.07 -15.82
N LYS B 214 9.11 -12.15 -16.49
CA LYS B 214 9.03 -12.03 -17.94
C LYS B 214 9.19 -10.57 -18.42
N TYR B 215 8.52 -9.61 -17.77
CA TYR B 215 8.59 -8.23 -18.26
C TYR B 215 9.11 -7.21 -17.26
N GLY B 216 9.41 -7.64 -16.03
CA GLY B 216 9.68 -6.66 -14.96
C GLY B 216 8.49 -5.74 -14.67
N VAL B 217 7.28 -6.25 -14.86
CA VAL B 217 6.09 -5.46 -14.57
C VAL B 217 5.45 -5.92 -13.27
N ARG B 218 5.17 -4.94 -12.41
CA ARG B 218 4.52 -5.20 -11.11
C ARG B 218 3.07 -5.51 -11.32
N VAL B 219 2.51 -6.28 -10.39
CA VAL B 219 1.06 -6.66 -10.42
C VAL B 219 0.50 -6.68 -8.99
N ASN B 220 -0.45 -5.77 -8.73
CA ASN B 220 -1.04 -5.57 -7.39
C ASN B 220 -2.55 -5.51 -7.46
N ALA B 221 -3.21 -5.73 -6.31
CA ALA B 221 -4.64 -5.47 -6.16
C ALA B 221 -5.00 -4.52 -5.00
N ILE B 222 -6.09 -3.80 -5.18
CA ILE B 222 -6.72 -3.08 -4.11
C ILE B 222 -8.01 -3.80 -3.74
N SER B 223 -8.15 -4.28 -2.49
CA SER B 223 -9.47 -4.62 -1.95
C SER B 223 -10.10 -3.32 -1.43
N ALA B 224 -11.23 -2.96 -2.01
CA ALA B 224 -11.83 -1.66 -1.78
C ALA B 224 -13.15 -1.78 -1.04
N GLY B 225 -13.46 -0.72 -0.29
CA GLY B 225 -14.74 -0.63 0.42
C GLY B 225 -15.92 -0.27 -0.49
N PRO B 226 -17.14 -0.34 0.07
CA PRO B 226 -18.36 -0.12 -0.77
C PRO B 226 -18.47 1.32 -1.25
N LEU B 227 -18.91 1.48 -2.49
CA LEU B 227 -19.00 2.77 -3.13
C LEU B 227 -20.13 2.69 -4.11
N LYS B 228 -21.04 3.66 -4.05
CA LYS B 228 -22.26 3.64 -4.87
C LYS B 228 -21.98 3.97 -6.35
N SER B 229 -21.20 3.12 -7.03
CA SER B 229 -21.02 3.24 -8.46
C SER B 229 -22.33 2.78 -9.11
N ARG B 230 -22.41 2.91 -10.42
CA ARG B 230 -23.62 2.47 -11.12
C ARG B 230 -23.73 0.95 -11.17
N ALA B 231 -22.61 0.24 -11.29
CA ALA B 231 -22.67 -1.23 -11.24
C ALA B 231 -23.09 -1.69 -9.86
N ALA B 232 -22.71 -0.93 -8.83
CA ALA B 232 -23.05 -1.26 -7.46
C ALA B 232 -24.53 -0.94 -7.11
N SER B 233 -25.11 0.08 -7.74
CA SER B 233 -26.51 0.38 -7.49
C SER B 233 -27.43 -0.71 -8.07
N ALA B 234 -26.93 -1.46 -9.07
CA ALA B 234 -27.77 -2.41 -9.80
C ALA B 234 -27.94 -3.78 -9.14
N ILE B 235 -27.40 -3.92 -7.95
CA ILE B 235 -27.58 -5.15 -7.19
C ILE B 235 -28.81 -5.00 -6.31
N GLY B 236 -29.80 -5.85 -6.56
CA GLY B 236 -31.09 -5.74 -5.90
C GLY B 236 -32.00 -4.75 -6.60
N LYS B 237 -31.50 -4.19 -7.70
CA LYS B 237 -32.15 -3.04 -8.31
C LYS B 237 -33.50 -2.80 -7.66
N GLU B 240 -35.61 1.34 -4.50
CA GLU B 240 -35.58 1.07 -3.06
C GLU B 240 -34.17 0.76 -2.56
N LYS B 241 -34.08 0.22 -1.35
CA LYS B 241 -32.84 0.30 -0.57
C LYS B 241 -32.21 -1.07 -0.42
N SER B 242 -30.91 -1.15 -0.67
CA SER B 242 -30.35 -2.27 -1.41
C SER B 242 -28.94 -2.59 -0.95
N PHE B 243 -28.35 -3.62 -1.52
CA PHE B 243 -27.06 -4.12 -1.10
C PHE B 243 -26.04 -3.05 -0.74
N ILE B 244 -25.81 -2.14 -1.67
CA ILE B 244 -24.73 -1.18 -1.53
C ILE B 244 -25.04 -0.16 -0.44
N ASP B 245 -26.31 0.20 -0.34
CA ASP B 245 -26.73 1.19 0.63
C ASP B 245 -26.45 0.68 2.02
N TYR B 246 -26.80 -0.58 2.27
CA TYR B 246 -26.49 -1.21 3.56
C TYR B 246 -25.00 -1.42 3.80
N ALA B 247 -24.28 -1.78 2.74
CA ALA B 247 -22.82 -1.90 2.79
C ALA B 247 -22.19 -0.63 3.28
N ILE B 248 -22.61 0.49 2.69
CA ILE B 248 -22.04 1.80 3.03
C ILE B 248 -22.28 2.15 4.51
N ASP B 249 -23.48 1.83 5.00
CA ASP B 249 -23.82 2.09 6.41
C ASP B 249 -23.00 1.22 7.36
N TYR B 250 -23.03 -0.11 7.11
CA TYR B 250 -22.26 -1.07 7.89
C TYR B 250 -20.82 -0.60 8.04
N SER B 251 -20.18 -0.20 6.93
CA SER B 251 -18.79 0.27 7.04
C SER B 251 -18.64 1.62 7.77
N TYR B 252 -19.54 2.55 7.51
CA TYR B 252 -19.56 3.79 8.30
C TYR B 252 -19.51 3.53 9.81
N ASN B 253 -20.32 2.58 10.25
CA ASN B 253 -20.53 2.31 11.67
C ASN B 253 -19.52 1.42 12.32
N ASN B 254 -18.80 0.63 11.53
CA ASN B 254 -17.95 -0.42 12.06
C ASN B 254 -16.44 -0.29 11.75
N ALA B 255 -16.06 0.67 10.90
CA ALA B 255 -14.66 0.78 10.48
C ALA B 255 -13.91 1.69 11.41
N PRO B 256 -12.62 1.40 11.61
CA PRO B 256 -11.71 2.25 12.39
C PRO B 256 -11.77 3.75 12.07
N LEU B 257 -11.85 4.09 10.78
CA LEU B 257 -12.09 5.46 10.36
C LEU B 257 -13.57 5.59 10.05
N ARG B 258 -14.24 6.53 10.72
CA ARG B 258 -15.65 6.81 10.51
C ARG B 258 -15.67 7.96 9.55
N ARG B 259 -15.82 7.67 8.27
CA ARG B 259 -15.85 8.70 7.25
C ARG B 259 -16.43 8.11 6.00
N ASP B 260 -16.86 8.97 5.09
CA ASP B 260 -17.36 8.51 3.81
C ASP B 260 -16.21 8.04 2.95
N LEU B 261 -16.40 6.89 2.32
CA LEU B 261 -15.45 6.38 1.38
C LEU B 261 -15.76 6.99 0.05
N HIS B 262 -14.81 7.78 -0.45
CA HIS B 262 -14.98 8.47 -1.73
C HIS B 262 -14.19 7.76 -2.83
N SER B 263 -14.76 7.71 -4.02
CA SER B 263 -14.12 7.08 -5.16
C SER B 263 -12.66 7.50 -5.30
N ASP B 264 -12.32 8.73 -4.92
CA ASP B 264 -10.93 9.26 -5.02
C ASP B 264 -9.97 8.59 -4.06
N ASP B 265 -10.52 8.04 -2.99
CA ASP B 265 -9.70 7.39 -1.98
C ASP B 265 -9.01 6.18 -2.61
N VAL B 266 -9.76 5.38 -3.35
CA VAL B 266 -9.17 4.34 -4.16
C VAL B 266 -8.31 4.92 -5.29
N GLY B 267 -8.71 6.06 -5.81
CA GLY B 267 -7.97 6.72 -6.85
C GLY B 267 -6.54 7.00 -6.40
N GLY B 268 -6.41 7.66 -5.26
CA GLY B 268 -5.09 7.95 -4.72
C GLY B 268 -4.24 6.68 -4.56
N ALA B 269 -4.82 5.68 -3.90
CA ALA B 269 -4.13 4.42 -3.63
C ALA B 269 -3.66 3.75 -4.94
N ALA B 270 -4.54 3.74 -5.94
CA ALA B 270 -4.16 3.26 -7.24
C ALA B 270 -2.95 4.03 -7.78
N LEU B 271 -2.98 5.35 -7.67
CA LEU B 271 -1.91 6.18 -8.18
C LEU B 271 -0.58 5.71 -7.61
N PHE B 272 -0.57 5.41 -6.31
CA PHE B 272 0.64 4.96 -5.63
C PHE B 272 1.12 3.64 -6.25
N LEU B 273 0.21 2.67 -6.32
CA LEU B 273 0.56 1.33 -6.79
C LEU B 273 0.97 1.32 -8.25
N LEU B 274 0.73 2.42 -8.93
CA LEU B 274 1.06 2.54 -10.36
C LEU B 274 2.22 3.52 -10.60
N SER B 275 2.84 3.98 -9.52
CA SER B 275 3.88 5.01 -9.58
C SER B 275 5.24 4.46 -9.16
N PRO B 276 6.31 5.21 -9.46
CA PRO B 276 7.65 4.76 -9.06
C PRO B 276 7.86 4.61 -7.55
N LEU B 277 7.10 5.36 -6.77
CA LEU B 277 7.10 5.15 -5.33
C LEU B 277 6.79 3.72 -4.88
N ALA B 278 6.27 2.89 -5.77
CA ALA B 278 5.93 1.51 -5.46
C ALA B 278 6.81 0.48 -6.18
N ARG B 279 8.00 0.88 -6.58
CA ARG B 279 8.84 0.03 -7.45
C ARG B 279 9.22 -1.32 -6.85
N ALA B 280 9.22 -1.41 -5.51
CA ALA B 280 9.43 -2.66 -4.76
C ALA B 280 8.15 -3.34 -4.31
N VAL B 281 6.98 -2.77 -4.64
CA VAL B 281 5.70 -3.33 -4.26
C VAL B 281 5.06 -4.16 -5.39
N SER B 282 4.86 -5.46 -5.14
CA SER B 282 4.16 -6.34 -6.10
C SER B 282 3.49 -7.53 -5.39
N GLY B 283 2.46 -8.08 -6.04
CA GLY B 283 1.71 -9.24 -5.51
C GLY B 283 0.72 -8.93 -4.38
N VAL B 284 0.62 -7.65 -4.07
CA VAL B 284 -0.07 -7.18 -2.87
C VAL B 284 -1.60 -7.07 -3.09
N THR B 285 -2.38 -7.42 -2.06
CA THR B 285 -3.77 -6.94 -1.90
C THR B 285 -3.83 -5.75 -0.94
N LEU B 286 -3.96 -4.55 -1.45
CA LEU B 286 -3.95 -3.35 -0.58
C LEU B 286 -5.34 -2.91 -0.22
N TYR B 287 -5.61 -2.89 1.08
CA TYR B 287 -6.94 -2.53 1.59
C TYR B 287 -7.14 -1.04 1.64
N VAL B 288 -8.12 -0.56 0.85
CA VAL B 288 -8.59 0.82 0.85
C VAL B 288 -10.07 0.83 1.24
N ASP B 289 -10.35 0.82 2.55
CA ASP B 289 -11.70 0.53 3.08
C ASP B 289 -11.97 1.12 4.46
N ASN B 290 -11.24 2.19 4.81
CA ASN B 290 -11.34 2.83 6.15
C ASN B 290 -10.94 1.92 7.32
N GLY B 291 -10.34 0.78 6.97
CA GLY B 291 -9.79 -0.12 7.96
C GLY B 291 -10.75 -1.21 8.29
N LEU B 292 -11.88 -1.28 7.61
CA LEU B 292 -12.82 -2.32 7.92
C LEU B 292 -12.17 -3.71 7.98
N HIS B 293 -11.29 -4.02 7.03
CA HIS B 293 -10.62 -5.34 7.00
C HIS B 293 -10.05 -5.81 8.36
N ALA B 294 -9.60 -4.86 9.18
CA ALA B 294 -8.90 -5.19 10.40
C ALA B 294 -9.81 -5.67 11.55
N MET B 295 -11.13 -5.48 11.46
CA MET B 295 -12.03 -5.83 12.57
C MET B 295 -12.36 -7.31 12.60
N GLY B 296 -12.45 -7.86 13.81
CA GLY B 296 -12.97 -9.24 14.00
C GLY B 296 -14.40 -9.31 14.55
N GLN B 297 -15.04 -8.17 14.61
CA GLN B 297 -16.29 -8.03 15.31
C GLN B 297 -16.95 -6.71 14.94
N ALA B 298 -18.25 -6.74 14.66
CA ALA B 298 -19.06 -5.50 14.59
C ALA B 298 -19.13 -4.79 15.93
N VAL B 299 -19.08 -3.47 15.89
CA VAL B 299 -19.32 -2.67 17.08
C VAL B 299 -20.74 -2.07 17.14
N ASP B 300 -21.57 -2.28 16.12
CA ASP B 300 -22.99 -1.85 16.14
C ASP B 300 -23.96 -3.07 16.19
N SER B 301 -23.47 -4.21 16.66
CA SER B 301 -24.30 -5.41 16.73
C SER B 301 -25.46 -5.27 17.70
N ARG B 302 -26.60 -5.82 17.32
CA ARG B 302 -27.72 -5.92 18.23
C ARG B 302 -27.34 -6.70 19.49
N SER B 303 -26.32 -7.54 19.37
CA SER B 303 -26.02 -8.54 20.38
C SER B 303 -25.25 -7.93 21.53
N MET B 304 -24.84 -6.68 21.37
CA MET B 304 -24.55 -5.84 22.50
C MET B 304 -25.37 -4.56 22.49
N PRO B 305 -24.78 -3.48 22.95
CA PRO B 305 -25.56 -2.32 23.38
C PRO B 305 -24.85 -1.03 23.03
N PRO B 306 -25.60 0.07 22.98
CA PRO B 306 -25.21 1.23 22.18
C PRO B 306 -24.78 2.40 23.05
#